data_1U65
#
_entry.id   1U65
#
_cell.length_a   137.870
_cell.length_b   137.870
_cell.length_c   70.890
_cell.angle_alpha   90.00
_cell.angle_beta   90.00
_cell.angle_gamma   120.00
#
_symmetry.space_group_name_H-M   'P 32 2 1'
#
loop_
_entity.id
_entity.type
_entity.pdbx_description
1 polymer Acetylcholinesterase
2 branched beta-L-fucopyranose-(1-3)-2-acetamido-2-deoxy-beta-D-glucopyranose
3 branched alpha-L-fucopyranose-(1-3)-2-acetamido-2-deoxy-beta-D-glucopyranose
4 branched alpha-D-mannopyranose-(1-4)-2-acetamido-2-deoxy-beta-D-glucopyranose
5 non-polymer 2-acetamido-2-deoxy-beta-D-glucopyranose
6 non-polymer "(4S)-4,11-DIETHYL-4-HYDROXY-3,14-DIOXO-3,4,12,14-TETRAHYDRO-1H-PYRANO[3',4':6,7]INDOLIZINO[1,2-B]QUINOLIN-9-YL 1,4'-BIPIPERIDINE-1'-CARBOXYLATE"
7 non-polymer 'IODIDE ION'
8 water water
#
_entity_poly.entity_id   1
_entity_poly.type   'polypeptide(L)'
_entity_poly.pdbx_seq_one_letter_code
;DDHSELLVNTKSGKVMGTRVPVLSSHISAFLGIPFAEPPVGNMRFRRPEPKKPWSGVWNASTYPNNCQQYVDEQFPGFSG
SEMWNPNREMSEDCLYLNIWVPSPRPKSTTVMVWIYGGGFYSGSSTLDVYNGKYLAYTEEVVLVSLSYRVGAFGFLALHG
SQEAPGNVGLLDQRMALQWVHDNIQFFGGDPKTVTIFGESAGGASVGMHILSPGSRDLFRRAILQSGSPNCPWASVSVAE
GRRRAVELGRNLNCNLNSDEELIHCLREKKPQELIDVEWNVLPFDSIFRFSFVPVIDGEFFPTSLESMLNSGNFKKTQIL
LGVNKDEGSFFLLYGAPGFSKDSESKISREDFMSGVKLSVPHANDLGLDAVTLQYTDWMDDNNGIKNRDGLDDIVGDHNV
ICPLMHFVNKYTKFGNGTYLYFFNHRASNLVWPEWMGVIHGYEIEFVFGLPLVKELNYTAEEEALSRRIMHYWATFAKTG
NPNEPHSQESKWPLFTTKEQKFIDLNTEPMKVHQRLRVQMCVFWNQFLPKLLNATACDGELSS
;
_entity_poly.pdbx_strand_id   A
#
loop_
_chem_comp.id
_chem_comp.type
_chem_comp.name
_chem_comp.formula
CP0 non-polymer '(4S)-4,11-DIETHYL-4-HYDROXY-3,14-DIOXO-3,4,12,14-TETRAHYDRO-1H-PYRANO[3',4':6,7]INDOLIZINO[1,2-B]QUINOLIN-9-YL 1,4'-BIPIPERIDINE-1'-CARBOXYLATE' 'C33 H38 N4 O6'
FUC L-saccharide, alpha linking alpha-L-fucopyranose 'C6 H12 O5'
FUL L-saccharide, beta linking beta-L-fucopyranose 'C6 H12 O5'
IOD non-polymer 'IODIDE ION' 'I -1'
MAN D-saccharide, alpha linking alpha-D-mannopyranose 'C6 H12 O6'
NAG D-saccharide, beta linking 2-acetamido-2-deoxy-beta-D-glucopyranose 'C8 H15 N O6'
#
# COMPACT_ATOMS: atom_id res chain seq x y z
N SER A 4 -9.49 -10.09 33.60
CA SER A 4 -8.89 -10.78 32.41
C SER A 4 -9.11 -9.98 31.13
N GLU A 5 -8.43 -8.83 31.03
CA GLU A 5 -8.54 -7.99 29.87
C GLU A 5 -8.06 -8.73 28.64
N LEU A 6 -7.36 -9.85 28.86
CA LEU A 6 -6.85 -10.67 27.78
C LEU A 6 -7.92 -11.60 27.24
N LEU A 7 -8.99 -11.77 27.99
CA LEU A 7 -10.08 -12.62 27.53
C LEU A 7 -11.20 -11.74 27.01
N VAL A 8 -11.34 -11.69 25.69
CA VAL A 8 -12.37 -10.88 25.05
C VAL A 8 -13.40 -11.72 24.32
N ASN A 9 -14.66 -11.34 24.44
CA ASN A 9 -15.76 -12.04 23.80
C ASN A 9 -16.28 -11.23 22.61
N THR A 10 -16.23 -11.79 21.41
CA THR A 10 -16.69 -11.09 20.23
C THR A 10 -17.91 -11.79 19.66
N LYS A 11 -18.57 -11.14 18.70
CA LYS A 11 -19.78 -11.70 18.09
C LYS A 11 -19.52 -12.95 17.24
N SER A 12 -18.29 -13.48 17.30
CA SER A 12 -17.93 -14.66 16.53
C SER A 12 -17.42 -15.77 17.45
N GLY A 13 -17.03 -15.38 18.66
CA GLY A 13 -16.52 -16.31 19.64
C GLY A 13 -15.60 -15.57 20.60
N LYS A 14 -15.03 -16.28 21.55
CA LYS A 14 -14.12 -15.66 22.52
C LYS A 14 -12.69 -15.75 21.97
N VAL A 15 -11.82 -14.87 22.44
CA VAL A 15 -10.43 -14.91 22.00
C VAL A 15 -9.50 -14.66 23.17
N MET A 16 -8.44 -15.45 23.23
CA MET A 16 -7.48 -15.33 24.31
C MET A 16 -6.28 -14.54 23.80
N GLY A 17 -6.02 -13.40 24.42
CA GLY A 17 -4.91 -12.56 24.02
C GLY A 17 -3.59 -12.97 24.64
N THR A 18 -2.69 -12.01 24.77
CA THR A 18 -1.38 -12.25 25.35
C THR A 18 -0.72 -10.92 25.65
N ARG A 19 -0.09 -10.82 26.80
CA ARG A 19 0.59 -9.58 27.21
C ARG A 19 1.95 -9.54 26.52
N VAL A 20 2.35 -8.36 26.07
CA VAL A 20 3.64 -8.21 25.40
C VAL A 20 4.36 -6.95 25.85
N PRO A 21 5.68 -7.05 26.02
CA PRO A 21 6.53 -5.93 26.45
C PRO A 21 6.69 -4.90 25.34
N VAL A 22 6.76 -3.64 25.74
CA VAL A 22 6.92 -2.53 24.81
C VAL A 22 7.57 -1.36 25.54
N LEU A 23 8.80 -1.04 25.14
CA LEU A 23 9.54 0.05 25.76
C LEU A 23 9.42 -0.04 27.27
N SER A 24 9.91 -1.14 27.84
CA SER A 24 9.86 -1.33 29.29
C SER A 24 8.47 -1.10 29.87
N SER A 25 7.50 -1.85 29.36
CA SER A 25 6.12 -1.79 29.81
C SER A 25 5.37 -2.84 29.01
N HIS A 26 4.05 -2.91 29.16
CA HIS A 26 3.30 -3.91 28.41
C HIS A 26 1.99 -3.38 27.86
N ILE A 27 1.41 -4.15 26.94
CA ILE A 27 0.12 -3.83 26.36
C ILE A 27 -0.43 -5.18 25.90
N SER A 28 -1.71 -5.22 25.56
CA SER A 28 -2.33 -6.46 25.13
C SER A 28 -2.11 -6.64 23.64
N ALA A 29 -2.35 -7.86 23.16
CA ALA A 29 -2.15 -8.13 21.75
C ALA A 29 -2.90 -9.39 21.35
N PHE A 30 -3.81 -9.25 20.40
CA PHE A 30 -4.57 -10.41 19.94
C PHE A 30 -4.19 -10.68 18.50
N LEU A 31 -3.30 -11.65 18.32
CA LEU A 31 -2.81 -12.02 17.00
C LEU A 31 -3.51 -13.24 16.43
N GLY A 32 -3.94 -13.16 15.17
CA GLY A 32 -4.57 -14.31 14.53
C GLY A 32 -6.08 -14.42 14.53
N ILE A 33 -6.78 -13.34 14.84
CA ILE A 33 -8.24 -13.37 14.83
C ILE A 33 -8.73 -13.63 13.41
N PRO A 34 -9.49 -14.71 13.21
CA PRO A 34 -10.01 -15.04 11.87
C PRO A 34 -11.29 -14.26 11.61
N PHE A 35 -11.41 -13.68 10.42
CA PHE A 35 -12.60 -12.91 10.07
C PHE A 35 -13.29 -13.40 8.80
N ALA A 36 -12.95 -14.62 8.36
CA ALA A 36 -13.56 -15.17 7.16
C ALA A 36 -13.28 -16.65 7.07
N GLU A 37 -14.10 -17.36 6.31
CA GLU A 37 -13.89 -18.78 6.13
C GLU A 37 -12.66 -18.89 5.24
N PRO A 38 -11.80 -19.91 5.48
CA PRO A 38 -10.60 -20.09 4.67
C PRO A 38 -10.90 -20.19 3.16
N PRO A 39 -10.37 -19.25 2.37
CA PRO A 39 -10.56 -19.20 0.91
C PRO A 39 -9.94 -20.41 0.20
N VAL A 40 -10.10 -21.59 0.77
CA VAL A 40 -9.51 -22.81 0.21
C VAL A 40 -10.40 -23.64 -0.71
N GLY A 41 -9.80 -24.65 -1.32
CA GLY A 41 -10.54 -25.52 -2.22
C GLY A 41 -11.33 -24.76 -3.25
N ASN A 42 -12.65 -24.91 -3.22
CA ASN A 42 -13.52 -24.23 -4.17
C ASN A 42 -13.71 -22.76 -3.81
N MET A 43 -13.22 -22.38 -2.64
CA MET A 43 -13.33 -20.99 -2.21
C MET A 43 -12.26 -20.13 -2.87
N ARG A 44 -11.20 -20.78 -3.37
CA ARG A 44 -10.12 -20.05 -4.04
C ARG A 44 -10.72 -19.19 -5.14
N PHE A 45 -10.48 -17.88 -5.08
CA PHE A 45 -10.97 -16.92 -6.05
C PHE A 45 -12.35 -16.34 -5.74
N ARG A 46 -13.15 -17.03 -4.94
CA ARG A 46 -14.48 -16.53 -4.59
C ARG A 46 -14.44 -15.42 -3.57
N ARG A 47 -15.54 -14.69 -3.46
CA ARG A 47 -15.62 -13.60 -2.51
C ARG A 47 -15.49 -14.24 -1.13
N PRO A 48 -14.92 -13.50 -0.17
CA PRO A 48 -14.80 -14.08 1.16
C PRO A 48 -16.15 -14.26 1.85
N GLU A 49 -16.25 -15.27 2.69
CA GLU A 49 -17.46 -15.55 3.45
C GLU A 49 -17.09 -15.29 4.90
N PRO A 50 -17.97 -14.64 5.66
CA PRO A 50 -17.71 -14.34 7.07
C PRO A 50 -17.36 -15.59 7.88
N LYS A 51 -16.54 -15.40 8.91
CA LYS A 51 -16.12 -16.52 9.75
C LYS A 51 -17.26 -17.07 10.61
N LYS A 52 -17.53 -18.38 10.45
CA LYS A 52 -18.58 -19.05 11.21
C LYS A 52 -18.21 -18.98 12.68
N PRO A 53 -19.13 -18.50 13.52
CA PRO A 53 -18.87 -18.40 14.96
C PRO A 53 -18.29 -19.70 15.48
N TRP A 54 -17.30 -19.59 16.36
CA TRP A 54 -16.67 -20.78 16.93
C TRP A 54 -17.00 -20.95 18.40
N SER A 55 -16.69 -22.13 18.91
CA SER A 55 -16.94 -22.47 20.29
C SER A 55 -15.63 -22.52 21.06
N GLY A 56 -15.69 -22.18 22.36
CA GLY A 56 -14.51 -22.19 23.18
C GLY A 56 -13.73 -20.89 23.11
N VAL A 57 -12.44 -20.96 23.44
CA VAL A 57 -11.59 -19.76 23.40
C VAL A 57 -10.54 -19.83 22.30
N TRP A 58 -10.60 -18.89 21.36
CA TRP A 58 -9.64 -18.85 20.27
C TRP A 58 -8.34 -18.25 20.79
N ASN A 59 -7.25 -19.00 20.67
CA ASN A 59 -5.97 -18.51 21.14
C ASN A 59 -5.37 -17.55 20.12
N ALA A 60 -5.23 -16.30 20.52
CA ALA A 60 -4.67 -15.28 19.65
C ALA A 60 -3.41 -14.73 20.26
N SER A 61 -2.45 -15.61 20.50
CA SER A 61 -1.19 -15.21 21.13
C SER A 61 -0.04 -15.13 20.14
N THR A 62 -0.12 -15.91 19.07
CA THR A 62 0.91 -15.91 18.05
C THR A 62 0.40 -15.29 16.75
N TYR A 63 1.32 -14.98 15.84
CA TYR A 63 0.96 -14.40 14.56
C TYR A 63 0.40 -15.46 13.63
N PRO A 64 -0.52 -15.08 12.73
CA PRO A 64 -1.12 -16.02 11.78
C PRO A 64 -0.21 -16.32 10.61
N ASN A 65 -0.71 -17.12 9.68
CA ASN A 65 0.01 -17.50 8.47
C ASN A 65 0.00 -16.33 7.50
N ASN A 66 0.87 -16.40 6.50
CA ASN A 66 0.93 -15.37 5.49
C ASN A 66 0.27 -15.92 4.23
N CYS A 67 -0.28 -15.04 3.39
CA CYS A 67 -0.94 -15.53 2.20
C CYS A 67 0.08 -15.98 1.15
N GLN A 68 -0.35 -16.90 0.30
CA GLN A 68 0.52 -17.42 -0.75
C GLN A 68 1.01 -16.28 -1.62
N GLN A 69 2.32 -16.15 -1.75
CA GLN A 69 2.88 -15.08 -2.56
C GLN A 69 4.24 -15.37 -3.18
N TYR A 70 4.62 -14.48 -4.09
CA TYR A 70 5.92 -14.56 -4.74
C TYR A 70 6.90 -14.07 -3.68
N VAL A 71 8.00 -14.78 -3.48
CA VAL A 71 8.96 -14.36 -2.48
C VAL A 71 10.18 -13.74 -3.15
N ASP A 72 10.55 -12.56 -2.69
CA ASP A 72 11.71 -11.90 -3.28
C ASP A 72 13.00 -12.54 -2.76
N GLU A 73 13.79 -13.08 -3.67
CA GLU A 73 15.05 -13.71 -3.32
C GLU A 73 16.16 -13.27 -4.26
N GLN A 74 16.15 -11.98 -4.59
CA GLN A 74 17.13 -11.38 -5.47
C GLN A 74 18.38 -11.02 -4.67
N PHE A 75 18.20 -10.80 -3.38
CA PHE A 75 19.31 -10.43 -2.50
C PHE A 75 19.22 -11.25 -1.24
N PRO A 76 19.35 -12.58 -1.38
CA PRO A 76 19.27 -13.48 -0.22
C PRO A 76 20.21 -13.11 0.90
N GLY A 77 19.72 -13.20 2.14
CA GLY A 77 20.52 -12.89 3.30
C GLY A 77 20.88 -11.43 3.39
N PHE A 78 19.94 -10.57 3.03
CA PHE A 78 20.13 -9.13 3.08
C PHE A 78 18.85 -8.52 3.66
N SER A 79 18.94 -8.00 4.88
CA SER A 79 17.78 -7.44 5.56
C SER A 79 17.00 -6.45 4.70
N GLY A 80 17.73 -5.66 3.92
CA GLY A 80 17.09 -4.69 3.06
C GLY A 80 15.89 -5.19 2.28
N SER A 81 16.00 -6.35 1.64
CA SER A 81 14.88 -6.89 0.87
C SER A 81 14.13 -7.99 1.64
N GLU A 82 14.84 -8.70 2.51
CA GLU A 82 14.20 -9.78 3.25
C GLU A 82 13.16 -9.29 4.28
N MET A 83 13.26 -8.03 4.67
CA MET A 83 12.34 -7.48 5.66
C MET A 83 10.94 -7.35 5.09
N TRP A 84 10.73 -7.72 3.84
CA TRP A 84 9.41 -7.61 3.24
C TRP A 84 8.84 -8.97 2.93
N ASN A 85 9.69 -9.99 2.97
CA ASN A 85 9.25 -11.36 2.68
C ASN A 85 8.36 -11.94 3.76
N PRO A 86 7.59 -12.98 3.41
CA PRO A 86 6.72 -13.60 4.40
C PRO A 86 7.59 -14.10 5.54
N ASN A 87 7.30 -13.70 6.77
CA ASN A 87 8.10 -14.16 7.91
C ASN A 87 7.38 -15.28 8.67
N ARG A 88 6.34 -15.81 8.06
CA ARG A 88 5.56 -16.89 8.66
C ARG A 88 5.34 -17.94 7.58
N GLU A 89 4.58 -18.96 7.92
CA GLU A 89 4.32 -20.03 6.96
C GLU A 89 3.20 -19.64 5.98
N MET A 90 3.55 -19.54 4.70
CA MET A 90 2.57 -19.17 3.69
C MET A 90 1.45 -20.22 3.57
N SER A 91 0.23 -19.74 3.35
CA SER A 91 -0.92 -20.62 3.21
C SER A 91 -2.17 -19.86 2.79
N GLU A 92 -2.98 -20.48 1.93
CA GLU A 92 -4.22 -19.85 1.49
C GLU A 92 -5.07 -19.48 2.70
N ASP A 93 -5.13 -20.37 3.68
CA ASP A 93 -5.81 -20.05 4.91
C ASP A 93 -4.99 -18.96 5.57
N CYS A 94 -5.28 -17.71 5.21
CA CYS A 94 -4.50 -16.59 5.73
C CYS A 94 -5.33 -15.36 6.08
N LEU A 95 -6.64 -15.51 6.12
CA LEU A 95 -7.50 -14.38 6.42
C LEU A 95 -7.70 -14.15 7.91
N TYR A 96 -6.71 -13.51 8.53
CA TYR A 96 -6.76 -13.19 9.95
C TYR A 96 -6.32 -11.75 10.14
N LEU A 97 -6.52 -11.23 11.34
CA LEU A 97 -6.15 -9.85 11.64
C LEU A 97 -5.55 -9.77 13.04
N ASN A 98 -4.71 -8.78 13.26
CA ASN A 98 -4.06 -8.60 14.56
C ASN A 98 -4.46 -7.27 15.18
N ILE A 99 -4.61 -7.28 16.49
CA ILE A 99 -4.99 -6.09 17.24
C ILE A 99 -3.97 -5.82 18.31
N TRP A 100 -3.80 -4.54 18.66
CA TRP A 100 -2.90 -4.15 19.71
C TRP A 100 -3.71 -3.20 20.58
N VAL A 101 -4.13 -3.68 21.75
CA VAL A 101 -4.92 -2.91 22.70
C VAL A 101 -4.05 -2.42 23.86
N PRO A 102 -4.09 -1.11 24.15
CA PRO A 102 -3.29 -0.56 25.25
C PRO A 102 -3.74 -1.12 26.60
N SER A 103 -2.88 -1.01 27.61
CA SER A 103 -3.21 -1.52 28.94
C SER A 103 -2.98 -0.46 30.03
N PRO A 104 -3.97 -0.23 30.92
CA PRO A 104 -5.27 -0.91 30.93
C PRO A 104 -6.05 -0.67 29.65
N ARG A 105 -6.93 -1.61 29.33
CA ARG A 105 -7.77 -1.52 28.14
C ARG A 105 -8.65 -0.29 28.23
N PRO A 106 -8.42 0.73 27.37
CA PRO A 106 -9.27 1.92 27.43
C PRO A 106 -10.60 1.56 26.79
N LYS A 107 -11.46 2.56 26.60
CA LYS A 107 -12.73 2.29 25.94
C LYS A 107 -13.05 3.43 24.98
N SER A 108 -13.63 3.06 23.85
CA SER A 108 -13.97 4.03 22.82
C SER A 108 -12.80 4.96 22.48
N THR A 109 -11.65 4.36 22.16
CA THR A 109 -10.48 5.16 21.78
C THR A 109 -10.29 5.01 20.28
N THR A 110 -9.52 5.93 19.71
CA THR A 110 -9.24 5.94 18.29
C THR A 110 -8.70 4.62 17.75
N VAL A 111 -9.31 4.12 16.68
CA VAL A 111 -8.87 2.86 16.07
C VAL A 111 -8.15 3.15 14.76
N MET A 112 -7.08 2.39 14.51
CA MET A 112 -6.29 2.55 13.28
C MET A 112 -6.01 1.21 12.61
N VAL A 113 -6.62 0.99 11.45
CA VAL A 113 -6.45 -0.25 10.71
C VAL A 113 -5.41 -0.13 9.59
N TRP A 114 -4.34 -0.92 9.70
CA TRP A 114 -3.27 -0.90 8.71
C TRP A 114 -3.46 -1.91 7.59
N ILE A 115 -3.23 -1.47 6.36
CA ILE A 115 -3.35 -2.34 5.20
C ILE A 115 -2.00 -2.34 4.49
N TYR A 116 -1.25 -3.42 4.65
CA TYR A 116 0.07 -3.55 4.04
C TYR A 116 0.09 -3.41 2.53
N GLY A 117 1.21 -2.89 2.02
CA GLY A 117 1.39 -2.73 0.59
C GLY A 117 2.08 -3.96 0.01
N GLY A 118 2.63 -3.83 -1.20
CA GLY A 118 3.30 -4.96 -1.82
C GLY A 118 2.84 -5.19 -3.25
N GLY A 119 2.44 -4.14 -3.93
CA GLY A 119 2.00 -4.25 -5.30
C GLY A 119 0.84 -5.19 -5.60
N PHE A 120 0.07 -5.56 -4.57
CA PHE A 120 -1.07 -6.46 -4.75
C PHE A 120 -0.66 -7.90 -5.08
N TYR A 121 0.65 -8.17 -5.12
CA TYR A 121 1.11 -9.53 -5.41
C TYR A 121 1.83 -10.11 -4.19
N SER A 122 2.07 -9.28 -3.19
CA SER A 122 2.75 -9.74 -1.99
C SER A 122 2.35 -8.90 -0.77
N GLY A 123 2.88 -9.28 0.39
CA GLY A 123 2.58 -8.56 1.61
C GLY A 123 2.26 -9.47 2.77
N SER A 124 2.43 -8.95 3.99
CA SER A 124 2.17 -9.69 5.21
C SER A 124 1.90 -8.71 6.33
N SER A 125 0.95 -9.04 7.18
CA SER A 125 0.58 -8.18 8.31
C SER A 125 1.45 -8.45 9.51
N THR A 126 2.30 -9.47 9.38
CA THR A 126 3.18 -9.90 10.46
C THR A 126 4.65 -9.49 10.37
N LEU A 127 4.99 -8.56 9.50
CA LEU A 127 6.39 -8.12 9.39
C LEU A 127 6.81 -7.38 10.66
N ASP A 128 8.10 -7.36 10.94
CA ASP A 128 8.58 -6.65 12.11
C ASP A 128 8.28 -5.17 11.96
N VAL A 129 8.59 -4.63 10.78
CA VAL A 129 8.37 -3.22 10.50
C VAL A 129 6.92 -2.76 10.69
N TYR A 130 5.98 -3.71 10.74
CA TYR A 130 4.57 -3.35 10.94
C TYR A 130 4.08 -3.77 12.33
N ASN A 131 4.98 -3.84 13.31
CA ASN A 131 4.57 -4.22 14.65
C ASN A 131 3.85 -3.02 15.22
N GLY A 132 2.57 -3.17 15.51
CA GLY A 132 1.80 -2.05 16.02
C GLY A 132 1.87 -1.71 17.49
N LYS A 133 2.64 -2.47 18.26
CA LYS A 133 2.74 -2.21 19.69
C LYS A 133 3.26 -0.84 20.10
N TYR A 134 4.18 -0.27 19.33
CA TYR A 134 4.72 1.03 19.68
C TYR A 134 3.72 2.16 19.48
N LEU A 135 3.09 2.18 18.32
CA LEU A 135 2.10 3.20 17.99
C LEU A 135 0.91 3.11 18.95
N ALA A 136 0.38 1.91 19.09
CA ALA A 136 -0.76 1.67 19.98
C ALA A 136 -0.40 2.07 21.40
N TYR A 137 0.85 1.81 21.78
CA TYR A 137 1.32 2.13 23.12
C TYR A 137 1.55 3.62 23.29
N THR A 138 2.47 4.17 22.51
CA THR A 138 2.81 5.58 22.59
C THR A 138 1.64 6.54 22.37
N GLU A 139 0.77 6.23 21.42
CA GLU A 139 -0.35 7.11 21.12
C GLU A 139 -1.66 6.63 21.71
N GLU A 140 -1.59 5.56 22.50
CA GLU A 140 -2.76 4.98 23.15
C GLU A 140 -3.96 4.86 22.21
N VAL A 141 -3.84 3.94 21.25
CA VAL A 141 -4.88 3.71 20.27
C VAL A 141 -5.02 2.20 20.04
N VAL A 142 -6.13 1.79 19.43
CA VAL A 142 -6.31 0.38 19.15
C VAL A 142 -5.84 0.16 17.70
N LEU A 143 -4.58 -0.26 17.55
CA LEU A 143 -3.98 -0.52 16.25
C LEU A 143 -4.35 -1.91 15.73
N VAL A 144 -4.94 -1.97 14.54
CA VAL A 144 -5.32 -3.23 13.92
C VAL A 144 -4.58 -3.42 12.61
N SER A 145 -4.18 -4.64 12.33
CA SER A 145 -3.50 -4.93 11.06
C SER A 145 -4.22 -6.09 10.40
N LEU A 146 -4.85 -5.81 9.26
CA LEU A 146 -5.59 -6.84 8.53
C LEU A 146 -4.71 -7.49 7.46
N SER A 147 -5.32 -8.41 6.71
CA SER A 147 -4.64 -9.12 5.63
C SER A 147 -5.66 -9.39 4.55
N TYR A 148 -5.18 -9.62 3.34
CA TYR A 148 -6.05 -9.88 2.21
C TYR A 148 -5.32 -10.73 1.19
N ARG A 149 -6.07 -11.44 0.37
CA ARG A 149 -5.48 -12.28 -0.65
C ARG A 149 -4.74 -11.44 -1.70
N VAL A 150 -3.66 -11.99 -2.25
CA VAL A 150 -2.86 -11.30 -3.25
C VAL A 150 -2.58 -12.23 -4.45
N GLY A 151 -2.07 -11.66 -5.53
CA GLY A 151 -1.80 -12.46 -6.70
C GLY A 151 -3.08 -13.03 -7.26
N ALA A 152 -2.97 -14.03 -8.12
CA ALA A 152 -4.16 -14.63 -8.70
C ALA A 152 -5.20 -14.86 -7.61
N PHE A 153 -4.75 -15.45 -6.50
CA PHE A 153 -5.61 -15.75 -5.36
C PHE A 153 -6.51 -14.60 -4.95
N GLY A 154 -5.97 -13.39 -4.96
CA GLY A 154 -6.76 -12.25 -4.54
C GLY A 154 -7.32 -11.36 -5.63
N PHE A 155 -6.84 -11.51 -6.87
CA PHE A 155 -7.34 -10.65 -7.93
C PHE A 155 -7.54 -11.25 -9.32
N LEU A 156 -7.55 -12.57 -9.42
CA LEU A 156 -7.79 -13.20 -10.72
C LEU A 156 -9.16 -12.68 -11.17
N ALA A 157 -9.28 -12.22 -12.40
CA ALA A 157 -10.55 -11.67 -12.81
C ALA A 157 -11.15 -12.14 -14.13
N LEU A 158 -12.20 -12.94 -14.02
CA LEU A 158 -12.92 -13.42 -15.19
C LEU A 158 -14.31 -12.78 -15.06
N HIS A 159 -14.36 -11.48 -15.33
CA HIS A 159 -15.60 -10.73 -15.21
C HIS A 159 -16.77 -11.37 -15.91
N GLY A 160 -17.78 -11.71 -15.11
CA GLY A 160 -18.96 -12.37 -15.63
C GLY A 160 -19.20 -13.54 -14.69
N SER A 161 -18.13 -14.28 -14.43
CA SER A 161 -18.21 -15.41 -13.52
C SER A 161 -18.52 -14.93 -12.11
N GLN A 162 -18.94 -15.86 -11.27
CA GLN A 162 -19.25 -15.56 -9.88
C GLN A 162 -18.22 -16.33 -9.07
N GLU A 163 -17.47 -17.17 -9.77
CA GLU A 163 -16.44 -17.97 -9.15
C GLU A 163 -15.15 -17.18 -8.98
N ALA A 164 -14.78 -16.42 -10.02
CA ALA A 164 -13.57 -15.58 -10.01
C ALA A 164 -13.93 -14.18 -10.52
N PRO A 165 -14.78 -13.45 -9.76
CA PRO A 165 -15.24 -12.10 -10.11
C PRO A 165 -14.17 -11.00 -10.07
N GLY A 166 -13.07 -11.27 -9.38
CA GLY A 166 -12.02 -10.28 -9.27
C GLY A 166 -12.24 -9.42 -8.04
N ASN A 167 -11.24 -8.62 -7.67
CA ASN A 167 -11.32 -7.75 -6.50
C ASN A 167 -11.63 -8.44 -5.17
N VAL A 168 -11.59 -9.77 -5.15
CA VAL A 168 -11.89 -10.48 -3.91
C VAL A 168 -10.94 -9.99 -2.82
N GLY A 169 -9.67 -9.85 -3.17
CA GLY A 169 -8.69 -9.38 -2.21
C GLY A 169 -9.14 -8.10 -1.52
N LEU A 170 -9.75 -7.18 -2.27
CA LEU A 170 -10.23 -5.93 -1.69
C LEU A 170 -11.41 -6.24 -0.79
N LEU A 171 -12.25 -7.18 -1.23
CA LEU A 171 -13.41 -7.58 -0.45
C LEU A 171 -12.91 -8.16 0.88
N ASP A 172 -11.78 -8.85 0.84
CA ASP A 172 -11.19 -9.41 2.07
C ASP A 172 -10.96 -8.26 3.04
N GLN A 173 -10.38 -7.17 2.53
CA GLN A 173 -10.11 -6.01 3.37
C GLN A 173 -11.41 -5.43 3.91
N ARG A 174 -12.43 -5.42 3.06
CA ARG A 174 -13.73 -4.88 3.45
C ARG A 174 -14.31 -5.69 4.59
N MET A 175 -14.23 -7.01 4.50
CA MET A 175 -14.80 -7.87 5.54
C MET A 175 -14.04 -7.71 6.86
N ALA A 176 -12.75 -7.42 6.80
CA ALA A 176 -12.00 -7.23 8.03
C ALA A 176 -12.49 -5.91 8.64
N LEU A 177 -12.65 -4.91 7.78
CA LEU A 177 -13.12 -3.60 8.22
C LEU A 177 -14.51 -3.74 8.83
N GLN A 178 -15.29 -4.65 8.27
CA GLN A 178 -16.64 -4.91 8.74
C GLN A 178 -16.54 -5.54 10.12
N TRP A 179 -15.62 -6.51 10.26
CA TRP A 179 -15.42 -7.17 11.53
C TRP A 179 -15.02 -6.12 12.55
N VAL A 180 -13.96 -5.37 12.25
CA VAL A 180 -13.49 -4.31 13.14
C VAL A 180 -14.70 -3.50 13.55
N HIS A 181 -15.58 -3.26 12.58
CA HIS A 181 -16.78 -2.50 12.80
C HIS A 181 -17.65 -3.07 13.91
N ASP A 182 -17.99 -4.35 13.78
CA ASP A 182 -18.86 -5.02 14.72
C ASP A 182 -18.21 -5.54 16.01
N ASN A 183 -16.89 -5.72 16.03
CA ASN A 183 -16.25 -6.25 17.22
C ASN A 183 -15.18 -5.42 17.91
N ILE A 184 -14.66 -4.40 17.24
CA ILE A 184 -13.59 -3.62 17.86
C ILE A 184 -14.00 -2.94 19.15
N GLN A 185 -15.29 -2.72 19.35
CA GLN A 185 -15.74 -2.06 20.58
C GLN A 185 -15.46 -2.95 21.78
N PHE A 186 -15.47 -4.26 21.56
CA PHE A 186 -15.23 -5.21 22.62
C PHE A 186 -13.76 -5.20 23.02
N PHE A 187 -12.98 -4.35 22.38
CA PHE A 187 -11.55 -4.22 22.67
C PHE A 187 -11.21 -2.81 23.10
N GLY A 188 -12.24 -2.01 23.32
CA GLY A 188 -12.03 -0.62 23.73
C GLY A 188 -11.93 0.31 22.53
N GLY A 189 -12.24 -0.23 21.35
CA GLY A 189 -12.18 0.58 20.16
C GLY A 189 -13.49 1.29 19.88
N ASP A 190 -13.42 2.40 19.15
CA ASP A 190 -14.60 3.18 18.80
C ASP A 190 -14.86 3.04 17.30
N PRO A 191 -15.77 2.14 16.93
CA PRO A 191 -16.10 1.90 15.52
C PRO A 191 -16.49 3.14 14.72
N LYS A 192 -16.91 4.19 15.41
CA LYS A 192 -17.31 5.43 14.75
C LYS A 192 -16.11 6.37 14.61
N THR A 193 -14.93 5.82 14.84
CA THR A 193 -13.70 6.60 14.74
C THR A 193 -12.55 5.73 14.28
N VAL A 194 -12.72 5.14 13.09
CA VAL A 194 -11.71 4.26 12.52
C VAL A 194 -11.00 4.95 11.35
N THR A 195 -9.67 4.88 11.38
CA THR A 195 -8.83 5.44 10.33
C THR A 195 -8.11 4.28 9.65
N ILE A 196 -8.36 4.11 8.35
CA ILE A 196 -7.69 3.06 7.58
C ILE A 196 -6.47 3.71 6.94
N PHE A 197 -5.30 3.08 7.09
CA PHE A 197 -4.07 3.60 6.50
C PHE A 197 -3.20 2.47 5.90
N GLY A 198 -2.44 2.81 4.86
CA GLY A 198 -1.60 1.82 4.22
C GLY A 198 -0.57 2.46 3.31
N GLU A 199 0.41 1.69 2.87
CA GLU A 199 1.45 2.24 2.00
C GLU A 199 1.49 1.50 0.67
N SER A 200 1.86 2.22 -0.37
CA SER A 200 1.95 1.65 -1.70
C SER A 200 0.63 0.98 -2.07
N ALA A 201 0.65 -0.31 -2.36
CA ALA A 201 -0.59 -1.01 -2.73
C ALA A 201 -1.62 -0.86 -1.61
N GLY A 202 -1.13 -0.71 -0.38
CA GLY A 202 -2.01 -0.55 0.75
C GLY A 202 -2.66 0.81 0.67
N GLY A 203 -1.87 1.81 0.28
CA GLY A 203 -2.38 3.17 0.15
C GLY A 203 -3.43 3.20 -0.95
N ALA A 204 -3.10 2.61 -2.09
CA ALA A 204 -4.03 2.57 -3.20
C ALA A 204 -5.31 1.91 -2.69
N SER A 205 -5.17 0.91 -1.84
CA SER A 205 -6.31 0.22 -1.28
C SER A 205 -7.19 1.21 -0.52
N VAL A 206 -6.59 1.95 0.40
CA VAL A 206 -7.35 2.93 1.16
C VAL A 206 -8.19 3.77 0.21
N GLY A 207 -7.53 4.31 -0.81
CA GLY A 207 -8.20 5.15 -1.79
C GLY A 207 -9.35 4.45 -2.50
N MET A 208 -9.21 3.15 -2.71
CA MET A 208 -10.25 2.40 -3.37
C MET A 208 -11.44 2.20 -2.44
N HIS A 209 -11.19 2.21 -1.14
CA HIS A 209 -12.28 2.06 -0.18
C HIS A 209 -13.02 3.37 -0.08
N ILE A 210 -12.32 4.46 -0.32
CA ILE A 210 -12.93 5.78 -0.29
C ILE A 210 -13.90 5.88 -1.47
N LEU A 211 -13.48 5.35 -2.61
CA LEU A 211 -14.30 5.39 -3.80
C LEU A 211 -15.46 4.40 -3.78
N SER A 212 -15.19 3.15 -3.41
CA SER A 212 -16.21 2.09 -3.37
C SER A 212 -17.39 2.33 -2.43
N PRO A 213 -18.60 2.45 -2.99
CA PRO A 213 -19.85 2.67 -2.25
C PRO A 213 -20.07 1.67 -1.12
N GLY A 214 -19.57 0.46 -1.30
CA GLY A 214 -19.74 -0.57 -0.30
C GLY A 214 -18.67 -0.63 0.78
N SER A 215 -17.90 0.45 0.93
CA SER A 215 -16.87 0.45 1.96
C SER A 215 -16.89 1.76 2.73
N ARG A 216 -17.38 2.79 2.07
CA ARG A 216 -17.44 4.12 2.68
C ARG A 216 -17.90 4.17 4.13
N ASP A 217 -18.99 3.47 4.46
CA ASP A 217 -19.51 3.50 5.83
C ASP A 217 -18.71 2.71 6.86
N LEU A 218 -17.64 2.05 6.44
CA LEU A 218 -16.87 1.27 7.37
C LEU A 218 -15.71 2.01 8.06
N PHE A 219 -15.51 3.29 7.75
CA PHE A 219 -14.42 4.03 8.39
C PHE A 219 -14.67 5.53 8.40
N ARG A 220 -13.93 6.25 9.24
CA ARG A 220 -14.10 7.69 9.38
C ARG A 220 -13.18 8.52 8.48
N ARG A 221 -11.89 8.42 8.71
CA ARG A 221 -10.92 9.14 7.92
C ARG A 221 -9.85 8.17 7.37
N ALA A 222 -9.02 8.65 6.45
CA ALA A 222 -8.03 7.78 5.84
C ALA A 222 -6.68 8.43 5.61
N ILE A 223 -5.66 7.59 5.50
CA ILE A 223 -4.29 8.04 5.26
C ILE A 223 -3.73 7.24 4.08
N LEU A 224 -3.00 7.93 3.20
CA LEU A 224 -2.40 7.29 2.04
C LEU A 224 -0.91 7.58 1.95
N GLN A 225 -0.11 6.52 2.02
CA GLN A 225 1.34 6.64 1.96
C GLN A 225 1.93 6.07 0.66
N SER A 226 2.51 6.96 -0.15
CA SER A 226 3.12 6.56 -1.43
C SER A 226 2.23 5.62 -2.26
N GLY A 227 0.93 5.89 -2.29
CA GLY A 227 0.03 5.05 -3.05
C GLY A 227 -1.25 5.76 -3.37
N SER A 228 -1.79 5.54 -4.56
CA SER A 228 -3.04 6.20 -4.97
C SER A 228 -3.90 5.23 -5.79
N PRO A 229 -5.22 5.24 -5.58
CA PRO A 229 -6.15 4.36 -6.30
C PRO A 229 -6.09 4.46 -7.82
N ASN A 230 -5.65 5.62 -8.31
CA ASN A 230 -5.55 5.84 -9.75
C ASN A 230 -4.16 5.57 -10.31
N CYS A 231 -3.29 4.91 -9.54
CA CYS A 231 -1.95 4.61 -10.02
C CYS A 231 -1.97 3.69 -11.24
N PRO A 232 -1.03 3.99 -12.17
CA PRO A 232 -0.86 3.17 -13.43
C PRO A 232 -0.84 1.67 -13.22
N TRP A 233 -0.32 1.26 -12.08
CA TRP A 233 -0.20 -0.14 -11.76
C TRP A 233 -1.30 -0.68 -10.85
N ALA A 234 -2.12 0.18 -10.28
CA ALA A 234 -3.13 -0.25 -9.29
C ALA A 234 -4.41 -0.88 -9.82
N SER A 235 -4.59 -0.99 -11.13
CA SER A 235 -5.81 -1.61 -11.64
C SER A 235 -5.77 -1.85 -13.14
N VAL A 236 -6.69 -2.67 -13.62
CA VAL A 236 -6.79 -2.95 -15.04
C VAL A 236 -8.25 -3.00 -15.46
N SER A 237 -8.48 -2.99 -16.76
CA SER A 237 -9.84 -3.04 -17.27
C SER A 237 -10.30 -4.49 -17.16
N VAL A 238 -11.61 -4.68 -17.21
CA VAL A 238 -12.21 -6.01 -17.15
C VAL A 238 -11.60 -6.88 -18.26
N ALA A 239 -11.39 -6.28 -19.43
CA ALA A 239 -10.81 -7.01 -20.56
C ALA A 239 -9.38 -7.48 -20.31
N GLU A 240 -8.51 -6.57 -19.87
CA GLU A 240 -7.13 -6.96 -19.60
C GLU A 240 -7.13 -8.00 -18.48
N GLY A 241 -8.01 -7.80 -17.49
CA GLY A 241 -8.11 -8.73 -16.38
C GLY A 241 -8.43 -10.13 -16.87
N ARG A 242 -9.33 -10.21 -17.85
CA ARG A 242 -9.71 -11.49 -18.44
C ARG A 242 -8.60 -12.02 -19.34
N ARG A 243 -7.86 -11.12 -19.98
CA ARG A 243 -6.78 -11.57 -20.84
C ARG A 243 -5.71 -12.27 -20.01
N ARG A 244 -5.28 -11.62 -18.93
CA ARG A 244 -4.24 -12.19 -18.08
C ARG A 244 -4.68 -13.51 -17.45
N ALA A 245 -5.92 -13.57 -16.99
CA ALA A 245 -6.46 -14.78 -16.39
C ALA A 245 -6.31 -15.92 -17.40
N VAL A 246 -6.73 -15.68 -18.64
CA VAL A 246 -6.61 -16.72 -19.65
C VAL A 246 -5.15 -17.07 -19.84
N GLU A 247 -4.32 -16.05 -20.01
CA GLU A 247 -2.89 -16.25 -20.22
C GLU A 247 -2.29 -17.11 -19.13
N LEU A 248 -2.69 -16.87 -17.90
CA LEU A 248 -2.20 -17.66 -16.77
C LEU A 248 -2.56 -19.12 -17.05
N GLY A 249 -3.81 -19.35 -17.46
CA GLY A 249 -4.27 -20.68 -17.77
C GLY A 249 -3.45 -21.32 -18.87
N ARG A 250 -3.20 -20.56 -19.92
CA ARG A 250 -2.41 -21.07 -21.03
C ARG A 250 -1.03 -21.44 -20.47
N ASN A 251 -0.51 -20.57 -19.62
CA ASN A 251 0.80 -20.76 -18.99
C ASN A 251 0.85 -22.01 -18.12
N LEU A 252 -0.32 -22.59 -17.84
CA LEU A 252 -0.39 -23.78 -17.01
C LEU A 252 -1.08 -24.94 -17.72
N ASN A 253 -1.12 -24.89 -19.04
CA ASN A 253 -1.75 -25.95 -19.83
C ASN A 253 -3.15 -26.27 -19.31
N CYS A 254 -4.07 -25.33 -19.50
CA CYS A 254 -5.45 -25.45 -19.04
C CYS A 254 -6.48 -25.43 -20.18
N ASN A 255 -7.65 -26.00 -19.93
CA ASN A 255 -8.75 -25.91 -20.87
C ASN A 255 -9.12 -24.43 -20.85
N LEU A 256 -9.24 -23.81 -22.02
CA LEU A 256 -9.57 -22.40 -22.08
C LEU A 256 -10.99 -22.11 -22.56
N ASN A 257 -11.58 -23.03 -23.30
CA ASN A 257 -12.90 -22.93 -23.87
C ASN A 257 -13.93 -22.10 -23.09
N SER A 258 -13.88 -22.11 -21.75
CA SER A 258 -14.85 -21.36 -20.95
C SER A 258 -14.38 -21.07 -19.54
N ASP A 259 -14.95 -20.03 -18.94
CA ASP A 259 -14.59 -19.65 -17.57
C ASP A 259 -14.59 -20.85 -16.63
N GLU A 260 -15.69 -21.60 -16.65
CA GLU A 260 -15.85 -22.78 -15.79
C GLU A 260 -14.68 -23.76 -15.91
N GLU A 261 -14.28 -24.08 -17.14
CA GLU A 261 -13.18 -25.02 -17.35
C GLU A 261 -11.85 -24.45 -16.85
N LEU A 262 -11.64 -23.15 -17.11
CA LEU A 262 -10.42 -22.48 -16.68
C LEU A 262 -10.34 -22.36 -15.16
N ILE A 263 -11.46 -22.06 -14.52
CA ILE A 263 -11.46 -21.93 -13.07
C ILE A 263 -11.13 -23.28 -12.43
N HIS A 264 -11.70 -24.36 -13.00
CA HIS A 264 -11.48 -25.70 -12.46
C HIS A 264 -10.02 -26.07 -12.52
N CYS A 265 -9.37 -25.69 -13.62
CA CYS A 265 -7.98 -25.97 -13.84
C CYS A 265 -7.08 -25.23 -12.86
N LEU A 266 -7.34 -23.94 -12.70
CA LEU A 266 -6.54 -23.13 -11.80
C LEU A 266 -6.80 -23.50 -10.35
N ARG A 267 -7.93 -24.15 -10.09
CA ARG A 267 -8.26 -24.53 -8.72
C ARG A 267 -7.62 -25.85 -8.29
N GLU A 268 -7.01 -26.57 -9.24
CA GLU A 268 -6.37 -27.83 -8.90
C GLU A 268 -4.89 -27.60 -8.67
N LYS A 269 -4.33 -26.68 -9.46
CA LYS A 269 -2.90 -26.35 -9.37
C LYS A 269 -2.50 -25.92 -7.97
N LYS A 270 -1.33 -26.37 -7.53
CA LYS A 270 -0.83 -26.00 -6.21
C LYS A 270 -0.48 -24.52 -6.24
N PRO A 271 -0.51 -23.85 -5.08
CA PRO A 271 -0.19 -22.43 -5.03
C PRO A 271 1.10 -22.03 -5.75
N GLN A 272 2.17 -22.81 -5.59
CA GLN A 272 3.44 -22.45 -6.22
C GLN A 272 3.41 -22.50 -7.74
N GLU A 273 2.57 -23.39 -8.28
CA GLU A 273 2.46 -23.54 -9.72
C GLU A 273 1.98 -22.23 -10.32
N LEU A 274 0.90 -21.70 -9.76
CA LEU A 274 0.34 -20.44 -10.22
C LEU A 274 1.39 -19.35 -10.09
N ILE A 275 1.97 -19.24 -8.90
CA ILE A 275 2.98 -18.24 -8.62
C ILE A 275 4.18 -18.29 -9.54
N ASP A 276 4.62 -19.47 -9.93
CA ASP A 276 5.78 -19.56 -10.79
C ASP A 276 5.62 -18.94 -12.16
N VAL A 277 4.39 -18.89 -12.67
CA VAL A 277 4.19 -18.33 -14.00
C VAL A 277 3.40 -17.04 -13.93
N GLU A 278 3.26 -16.51 -12.72
CA GLU A 278 2.52 -15.28 -12.50
C GLU A 278 2.99 -14.06 -13.29
N TRP A 279 4.31 -13.88 -13.42
CA TRP A 279 4.81 -12.73 -14.14
C TRP A 279 4.64 -12.83 -15.64
N ASN A 280 4.47 -14.05 -16.13
CA ASN A 280 4.33 -14.28 -17.56
C ASN A 280 3.11 -13.68 -18.23
N VAL A 281 2.16 -13.16 -17.47
CA VAL A 281 0.95 -12.61 -18.05
C VAL A 281 0.99 -11.11 -18.38
N LEU A 282 1.94 -10.38 -17.82
CA LEU A 282 2.06 -8.94 -18.09
C LEU A 282 2.16 -8.71 -19.60
N PRO A 283 1.54 -7.55 -20.10
CA PRO A 283 1.62 -7.32 -21.60
C PRO A 283 2.93 -6.80 -22.07
N PHE A 284 3.76 -6.34 -21.14
CA PHE A 284 5.01 -5.71 -21.53
C PHE A 284 6.21 -6.11 -20.72
N ASP A 285 7.37 -5.72 -21.22
CA ASP A 285 8.57 -5.92 -20.48
C ASP A 285 8.55 -4.66 -19.63
N SER A 286 8.71 -4.76 -18.32
CA SER A 286 8.59 -3.55 -17.52
C SER A 286 8.92 -3.66 -16.05
N ILE A 287 8.99 -2.51 -15.42
CA ILE A 287 9.20 -2.40 -14.00
C ILE A 287 7.98 -1.69 -13.46
N PHE A 288 7.69 -1.89 -12.18
CA PHE A 288 6.54 -1.29 -11.53
C PHE A 288 5.21 -1.63 -12.21
N ARG A 289 5.04 -2.90 -12.54
CA ARG A 289 3.80 -3.38 -13.15
C ARG A 289 3.50 -4.74 -12.51
N PHE A 290 2.27 -4.94 -12.07
CA PHE A 290 1.93 -6.18 -11.39
C PHE A 290 0.81 -6.93 -12.08
N SER A 291 0.96 -8.25 -12.16
CA SER A 291 0.04 -9.12 -12.86
C SER A 291 -1.43 -9.08 -12.48
N PHE A 292 -1.75 -9.40 -11.23
CA PHE A 292 -3.16 -9.43 -10.81
C PHE A 292 -3.58 -8.36 -9.83
N VAL A 293 -4.18 -7.30 -10.35
CA VAL A 293 -4.60 -6.17 -9.53
C VAL A 293 -6.10 -5.86 -9.63
N PRO A 294 -6.58 -4.89 -8.85
CA PRO A 294 -8.00 -4.55 -8.88
C PRO A 294 -8.48 -4.32 -10.31
N VAL A 295 -9.70 -4.74 -10.60
CA VAL A 295 -10.27 -4.56 -11.93
C VAL A 295 -11.49 -3.66 -11.89
N ILE A 296 -11.55 -2.69 -12.79
CA ILE A 296 -12.67 -1.79 -12.92
C ILE A 296 -13.87 -2.63 -13.37
N ASP A 297 -14.68 -3.08 -12.39
CA ASP A 297 -15.78 -4.01 -12.63
C ASP A 297 -17.19 -3.44 -12.78
N GLY A 298 -17.40 -2.20 -12.38
CA GLY A 298 -18.74 -1.64 -12.49
C GLY A 298 -19.55 -1.93 -11.24
N GLU A 299 -19.00 -2.74 -10.34
CA GLU A 299 -19.65 -3.11 -9.09
C GLU A 299 -18.91 -2.52 -7.90
N PHE A 300 -17.75 -3.09 -7.56
CA PHE A 300 -16.97 -2.57 -6.44
C PHE A 300 -16.67 -1.12 -6.80
N PHE A 301 -16.34 -0.90 -8.06
CA PHE A 301 -16.10 0.45 -8.57
C PHE A 301 -17.26 0.74 -9.53
N PRO A 302 -18.18 1.63 -9.13
CA PRO A 302 -19.35 1.99 -9.95
C PRO A 302 -19.00 2.22 -11.41
N THR A 303 -18.10 3.17 -11.65
CA THR A 303 -17.66 3.51 -13.00
C THR A 303 -16.16 3.73 -13.01
N SER A 304 -15.62 4.23 -14.12
CA SER A 304 -14.18 4.47 -14.20
C SER A 304 -13.71 5.36 -13.06
N LEU A 305 -12.50 5.10 -12.57
CA LEU A 305 -11.94 5.87 -11.47
C LEU A 305 -11.98 7.36 -11.76
N GLU A 306 -11.49 7.76 -12.93
CA GLU A 306 -11.48 9.17 -13.28
C GLU A 306 -12.87 9.82 -13.23
N SER A 307 -13.88 9.12 -13.73
CA SER A 307 -15.24 9.68 -13.71
C SER A 307 -15.73 9.84 -12.27
N MET A 308 -15.45 8.83 -11.44
CA MET A 308 -15.86 8.87 -10.03
C MET A 308 -15.25 10.07 -9.31
N LEU A 309 -13.99 10.38 -9.64
CA LEU A 309 -13.30 11.50 -9.02
C LEU A 309 -13.85 12.84 -9.51
N ASN A 310 -14.23 12.91 -10.78
CA ASN A 310 -14.77 14.15 -11.34
C ASN A 310 -16.14 14.47 -10.77
N SER A 311 -17.02 13.46 -10.77
CA SER A 311 -18.38 13.61 -10.27
C SER A 311 -18.45 13.71 -8.76
N GLY A 312 -17.32 13.47 -8.10
CA GLY A 312 -17.28 13.53 -6.64
C GLY A 312 -17.93 12.31 -6.02
N ASN A 313 -18.20 11.30 -6.85
CA ASN A 313 -18.82 10.07 -6.39
C ASN A 313 -17.82 9.26 -5.56
N PHE A 314 -17.67 9.65 -4.28
CA PHE A 314 -16.76 8.98 -3.37
C PHE A 314 -16.92 9.54 -1.97
N LYS A 315 -16.53 8.76 -0.95
CA LYS A 315 -16.64 9.18 0.43
C LYS A 315 -15.93 10.50 0.66
N LYS A 316 -16.61 11.44 1.31
CA LYS A 316 -16.05 12.77 1.58
C LYS A 316 -15.68 12.96 3.04
N THR A 317 -14.38 12.92 3.34
CA THR A 317 -13.90 13.08 4.71
C THR A 317 -12.53 13.75 4.75
N GLN A 318 -11.79 13.55 5.83
CA GLN A 318 -10.44 14.14 5.92
C GLN A 318 -9.41 13.08 5.51
N ILE A 319 -8.36 13.50 4.83
CA ILE A 319 -7.31 12.55 4.43
C ILE A 319 -5.94 13.16 4.64
N LEU A 320 -5.01 12.36 5.03
CA LEU A 320 -3.62 12.74 5.24
C LEU A 320 -2.83 11.83 4.32
N LEU A 321 -2.02 12.38 3.44
CA LEU A 321 -1.25 11.56 2.51
C LEU A 321 0.00 12.28 2.06
N GLY A 322 0.90 11.54 1.41
CA GLY A 322 2.12 12.15 0.94
C GLY A 322 3.00 11.15 0.22
N VAL A 323 4.25 11.53 0.00
CA VAL A 323 5.17 10.65 -0.71
C VAL A 323 6.59 10.77 -0.15
N ASN A 324 7.50 10.00 -0.75
CA ASN A 324 8.90 10.02 -0.35
C ASN A 324 9.73 10.59 -1.49
N LYS A 325 10.87 11.19 -1.17
CA LYS A 325 11.71 11.80 -2.19
C LYS A 325 12.13 10.89 -3.35
N ASP A 326 12.60 9.68 -3.08
CA ASP A 326 13.04 8.81 -4.17
C ASP A 326 12.24 7.51 -4.34
N GLU A 327 10.98 7.66 -4.73
CA GLU A 327 10.08 6.53 -4.89
C GLU A 327 10.51 5.46 -5.89
N GLY A 328 11.15 5.89 -6.96
CA GLY A 328 11.53 5.00 -8.05
C GLY A 328 12.81 4.14 -7.86
N SER A 329 13.76 4.63 -7.08
CA SER A 329 15.04 3.93 -6.91
C SER A 329 14.91 2.44 -6.65
N PHE A 330 14.04 2.05 -5.74
CA PHE A 330 13.88 0.64 -5.40
C PHE A 330 13.57 -0.25 -6.61
N PHE A 331 12.70 0.23 -7.49
CA PHE A 331 12.34 -0.55 -8.66
C PHE A 331 13.41 -0.63 -9.75
N LEU A 332 14.17 0.44 -9.92
CA LEU A 332 15.24 0.47 -10.92
C LEU A 332 16.31 -0.57 -10.56
N LEU A 333 16.63 -0.63 -9.27
CA LEU A 333 17.61 -1.57 -8.77
C LEU A 333 17.24 -2.97 -9.20
N TYR A 334 15.96 -3.30 -9.05
CA TYR A 334 15.45 -4.62 -9.41
C TYR A 334 15.20 -4.89 -10.88
N GLY A 335 14.93 -3.87 -11.71
CA GLY A 335 14.60 -4.13 -13.12
C GLY A 335 15.38 -3.41 -14.26
N ALA A 336 15.91 -2.23 -14.01
CA ALA A 336 16.66 -1.44 -14.98
C ALA A 336 18.09 -1.92 -15.23
N PRO A 337 18.58 -1.57 -16.46
CA PRO A 337 19.95 -2.08 -16.74
C PRO A 337 20.96 -1.17 -16.11
N GLY A 338 21.99 -1.61 -15.52
CA GLY A 338 22.95 -0.62 -15.05
C GLY A 338 22.93 -0.36 -13.56
N PHE A 339 21.82 -0.71 -12.91
CA PHE A 339 21.72 -0.48 -11.48
C PHE A 339 22.32 -1.56 -10.61
N SER A 340 22.95 -1.11 -9.54
CA SER A 340 23.60 -2.02 -8.62
C SER A 340 23.49 -1.54 -7.18
N LYS A 341 23.62 -2.49 -6.27
CA LYS A 341 23.56 -2.22 -4.84
C LYS A 341 25.00 -2.04 -4.37
N ASP A 342 25.94 -2.49 -5.19
CA ASP A 342 27.36 -2.41 -4.87
C ASP A 342 28.11 -1.32 -5.63
N SER A 343 27.44 -0.23 -5.97
CA SER A 343 28.07 0.88 -6.67
C SER A 343 27.10 2.05 -6.73
N GLU A 344 27.61 3.23 -7.11
CA GLU A 344 26.79 4.42 -7.20
C GLU A 344 25.90 4.43 -8.44
N SER A 345 25.86 3.28 -9.12
CA SER A 345 25.05 3.08 -10.32
C SER A 345 24.97 4.25 -11.29
N LYS A 346 26.11 4.78 -11.71
CA LYS A 346 26.10 5.87 -12.66
C LYS A 346 25.56 5.23 -13.95
N ILE A 347 24.43 5.73 -14.43
CA ILE A 347 23.80 5.18 -15.63
C ILE A 347 24.28 5.83 -16.93
N SER A 348 24.51 5.00 -17.94
CA SER A 348 24.97 5.48 -19.24
C SER A 348 23.77 5.92 -20.08
N ARG A 349 24.07 6.59 -21.20
CA ARG A 349 23.03 7.09 -22.09
C ARG A 349 22.21 5.96 -22.72
N GLU A 350 22.88 4.85 -23.02
CA GLU A 350 22.20 3.73 -23.63
C GLU A 350 21.32 2.98 -22.64
N ASP A 351 21.80 2.83 -21.41
CA ASP A 351 21.02 2.16 -20.38
C ASP A 351 19.87 3.06 -19.98
N PHE A 352 20.11 4.38 -20.04
CA PHE A 352 19.08 5.35 -19.70
C PHE A 352 17.90 5.15 -20.65
N MET A 353 18.20 5.11 -21.95
CA MET A 353 17.17 4.91 -22.95
C MET A 353 16.40 3.62 -22.69
N SER A 354 17.13 2.62 -22.23
CA SER A 354 16.52 1.34 -21.93
C SER A 354 15.57 1.46 -20.73
N GLY A 355 16.04 2.10 -19.67
CA GLY A 355 15.21 2.26 -18.48
C GLY A 355 13.94 3.03 -18.76
N VAL A 356 14.04 4.02 -19.64
CA VAL A 356 12.89 4.82 -20.00
C VAL A 356 11.78 3.91 -20.56
N LYS A 357 12.16 2.93 -21.37
CA LYS A 357 11.19 2.02 -21.96
C LYS A 357 10.51 1.15 -20.91
N LEU A 358 11.33 0.55 -20.06
CA LEU A 358 10.83 -0.32 -18.99
C LEU A 358 9.94 0.46 -18.03
N SER A 359 10.26 1.73 -17.82
CA SER A 359 9.49 2.59 -16.93
C SER A 359 8.15 3.08 -17.47
N VAL A 360 8.06 3.19 -18.80
CA VAL A 360 6.83 3.66 -19.44
C VAL A 360 6.43 2.70 -20.56
N PRO A 361 6.28 1.40 -20.22
CA PRO A 361 5.91 0.31 -21.13
C PRO A 361 4.75 0.55 -22.09
N HIS A 362 3.73 1.25 -21.62
CA HIS A 362 2.55 1.52 -22.46
C HIS A 362 2.78 2.61 -23.50
N ALA A 363 3.94 3.25 -23.46
CA ALA A 363 4.21 4.35 -24.37
C ALA A 363 4.64 3.97 -25.78
N ASN A 364 4.20 4.76 -26.75
CA ASN A 364 4.60 4.52 -28.12
C ASN A 364 5.93 5.23 -28.27
N ASP A 365 6.57 5.06 -29.41
CA ASP A 365 7.87 5.67 -29.62
C ASP A 365 7.91 7.19 -29.39
N LEU A 366 6.90 7.91 -29.87
CA LEU A 366 6.85 9.35 -29.67
C LEU A 366 6.72 9.65 -28.19
N GLY A 367 5.97 8.81 -27.48
CA GLY A 367 5.78 9.01 -26.07
C GLY A 367 7.12 8.94 -25.40
N LEU A 368 7.86 7.89 -25.70
CA LEU A 368 9.18 7.70 -25.14
C LEU A 368 10.04 8.93 -25.39
N ASP A 369 9.95 9.50 -26.58
CA ASP A 369 10.72 10.69 -26.88
C ASP A 369 10.32 11.78 -25.89
N ALA A 370 9.02 12.01 -25.75
CA ALA A 370 8.50 13.02 -24.84
C ALA A 370 9.14 12.87 -23.46
N VAL A 371 9.04 11.67 -22.90
CA VAL A 371 9.59 11.39 -21.58
C VAL A 371 11.07 11.72 -21.50
N THR A 372 11.81 11.25 -22.51
CA THR A 372 13.26 11.46 -22.61
C THR A 372 13.62 12.93 -22.62
N LEU A 373 13.00 13.67 -23.52
CA LEU A 373 13.25 15.10 -23.64
C LEU A 373 12.95 15.81 -22.32
N GLN A 374 11.87 15.41 -21.68
CA GLN A 374 11.48 16.03 -20.41
C GLN A 374 12.51 15.80 -19.31
N TYR A 375 13.08 14.61 -19.25
CA TYR A 375 14.05 14.33 -18.20
C TYR A 375 15.52 14.30 -18.59
N THR A 376 15.87 14.84 -19.75
CA THR A 376 17.27 14.86 -20.14
C THR A 376 17.81 16.28 -20.15
N ASP A 377 18.97 16.47 -19.56
CA ASP A 377 19.61 17.79 -19.56
C ASP A 377 20.65 17.71 -20.69
N TRP A 378 20.35 18.32 -21.82
CA TRP A 378 21.26 18.25 -22.95
C TRP A 378 22.51 19.09 -22.85
N MET A 379 22.69 19.73 -21.70
CA MET A 379 23.89 20.53 -21.46
C MET A 379 24.92 19.63 -20.83
N ASP A 380 24.48 18.42 -20.47
CA ASP A 380 25.35 17.45 -19.83
C ASP A 380 24.60 16.12 -19.75
N ASP A 381 24.40 15.51 -20.92
CA ASP A 381 23.64 14.26 -21.03
C ASP A 381 24.41 12.95 -20.88
N ASN A 382 25.72 13.04 -20.68
CA ASN A 382 26.52 11.83 -20.47
C ASN A 382 26.90 11.74 -19.00
N ASN A 383 26.34 12.63 -18.19
CA ASN A 383 26.58 12.67 -16.76
C ASN A 383 25.94 11.44 -16.11
N GLY A 384 26.77 10.45 -15.77
CA GLY A 384 26.28 9.24 -15.15
C GLY A 384 25.29 9.49 -14.01
N ILE A 385 25.64 10.39 -13.11
CA ILE A 385 24.76 10.71 -12.00
C ILE A 385 23.38 11.14 -12.51
N LYS A 386 23.36 12.28 -13.21
CA LYS A 386 22.13 12.84 -13.76
C LYS A 386 21.16 11.83 -14.36
N ASN A 387 21.66 10.97 -15.24
CA ASN A 387 20.81 9.99 -15.88
C ASN A 387 20.15 9.10 -14.86
N ARG A 388 20.92 8.69 -13.86
CA ARG A 388 20.42 7.83 -12.81
C ARG A 388 19.29 8.51 -12.05
N ASP A 389 19.55 9.72 -11.56
CA ASP A 389 18.52 10.46 -10.83
C ASP A 389 17.33 10.72 -11.73
N GLY A 390 17.59 10.87 -13.02
CA GLY A 390 16.53 11.13 -13.97
C GLY A 390 15.54 9.97 -14.04
N LEU A 391 16.09 8.75 -14.01
CA LEU A 391 15.26 7.56 -14.06
C LEU A 391 14.49 7.45 -12.76
N ASP A 392 15.18 7.69 -11.65
CA ASP A 392 14.53 7.64 -10.35
C ASP A 392 13.29 8.51 -10.38
N ASP A 393 13.45 9.75 -10.81
CA ASP A 393 12.33 10.67 -10.87
C ASP A 393 11.23 10.18 -11.81
N ILE A 394 11.61 9.68 -12.99
CA ILE A 394 10.62 9.19 -13.94
C ILE A 394 9.78 8.10 -13.29
N VAL A 395 10.44 7.08 -12.78
CA VAL A 395 9.75 5.98 -12.15
C VAL A 395 8.92 6.50 -10.99
N GLY A 396 9.47 7.46 -10.23
CA GLY A 396 8.77 8.00 -9.09
C GLY A 396 7.53 8.79 -9.46
N ASP A 397 7.72 9.83 -10.28
CA ASP A 397 6.64 10.68 -10.72
C ASP A 397 5.54 9.94 -11.45
N HIS A 398 5.91 9.09 -12.41
CA HIS A 398 4.89 8.37 -13.16
C HIS A 398 4.06 7.36 -12.37
N ASN A 399 4.71 6.63 -11.44
CA ASN A 399 4.00 5.58 -10.70
C ASN A 399 3.43 5.93 -9.32
N VAL A 400 4.00 6.94 -8.66
CA VAL A 400 3.50 7.32 -7.34
C VAL A 400 3.17 8.79 -7.17
N ILE A 401 4.18 9.65 -7.27
CA ILE A 401 3.98 11.07 -7.01
C ILE A 401 2.91 11.79 -7.84
N CYS A 402 3.00 11.77 -9.16
CA CYS A 402 1.99 12.51 -9.95
C CYS A 402 0.60 11.84 -9.88
N PRO A 403 0.57 10.51 -9.84
CA PRO A 403 -0.78 9.91 -9.71
C PRO A 403 -1.46 10.30 -8.40
N LEU A 404 -0.63 10.42 -7.36
CA LEU A 404 -1.14 10.83 -6.06
C LEU A 404 -1.55 12.28 -6.12
N MET A 405 -0.74 13.12 -6.76
CA MET A 405 -1.04 14.54 -6.87
C MET A 405 -2.34 14.76 -7.64
N HIS A 406 -2.56 13.97 -8.68
CA HIS A 406 -3.80 14.09 -9.44
C HIS A 406 -4.92 13.78 -8.47
N PHE A 407 -4.76 12.69 -7.71
CA PHE A 407 -5.77 12.30 -6.73
C PHE A 407 -6.01 13.41 -5.73
N VAL A 408 -4.94 14.01 -5.22
CA VAL A 408 -5.04 15.08 -4.25
C VAL A 408 -5.90 16.19 -4.79
N ASN A 409 -5.47 16.80 -5.88
CA ASN A 409 -6.22 17.90 -6.49
C ASN A 409 -7.67 17.53 -6.72
N LYS A 410 -7.93 16.40 -7.37
CA LYS A 410 -9.30 15.95 -7.63
C LYS A 410 -10.14 15.78 -6.36
N TYR A 411 -9.56 15.15 -5.33
CA TYR A 411 -10.26 14.90 -4.07
C TYR A 411 -10.58 16.18 -3.31
N THR A 412 -9.58 17.03 -3.13
CA THR A 412 -9.73 18.27 -2.40
C THR A 412 -10.87 19.19 -2.83
N LYS A 413 -11.49 18.90 -3.98
CA LYS A 413 -12.61 19.73 -4.46
C LYS A 413 -13.89 19.39 -3.71
N PHE A 414 -13.98 18.17 -3.20
CA PHE A 414 -15.17 17.73 -2.46
C PHE A 414 -14.81 17.27 -1.06
N GLY A 415 -13.52 17.09 -0.81
CA GLY A 415 -13.05 16.62 0.48
C GLY A 415 -13.45 17.51 1.64
N ASN A 416 -12.96 17.17 2.84
CA ASN A 416 -13.27 17.95 4.02
C ASN A 416 -11.99 18.39 4.72
N GLY A 417 -10.84 17.98 4.18
CA GLY A 417 -9.58 18.35 4.79
C GLY A 417 -8.46 17.51 4.21
N THR A 418 -7.50 18.18 3.56
CA THR A 418 -6.39 17.47 2.95
C THR A 418 -5.04 17.93 3.49
N TYR A 419 -4.24 16.97 3.94
CA TYR A 419 -2.90 17.22 4.48
C TYR A 419 -1.86 16.49 3.62
N LEU A 420 -0.97 17.25 3.01
CA LEU A 420 0.06 16.68 2.14
C LEU A 420 1.48 16.77 2.70
N TYR A 421 2.18 15.64 2.74
CA TYR A 421 3.55 15.60 3.25
C TYR A 421 4.55 15.09 2.21
N PHE A 422 5.82 15.44 2.39
CA PHE A 422 6.89 14.99 1.49
C PHE A 422 8.01 14.44 2.34
N PHE A 423 7.98 13.14 2.61
CA PHE A 423 9.01 12.49 3.43
C PHE A 423 10.34 12.46 2.68
N ASN A 424 11.33 13.19 3.20
CA ASN A 424 12.65 13.22 2.57
C ASN A 424 13.77 13.07 3.57
N HIS A 425 13.62 12.12 4.48
CA HIS A 425 14.68 11.85 5.44
C HIS A 425 15.33 10.49 5.16
N ARG A 426 16.65 10.52 5.03
CA ARG A 426 17.44 9.33 4.78
C ARG A 426 17.91 8.74 6.11
N ALA A 427 17.27 7.66 6.53
CA ALA A 427 17.62 7.00 7.79
C ALA A 427 19.13 6.85 7.94
N SER A 428 19.63 7.10 9.16
CA SER A 428 21.05 7.02 9.45
C SER A 428 21.62 5.61 9.35
N ASN A 429 20.78 4.61 9.60
CA ASN A 429 21.22 3.23 9.57
C ASN A 429 20.73 2.41 8.37
N LEU A 430 20.20 3.09 7.35
CA LEU A 430 19.70 2.40 6.16
C LEU A 430 20.70 1.39 5.61
N VAL A 431 20.26 0.16 5.35
CA VAL A 431 21.16 -0.86 4.83
C VAL A 431 21.44 -0.72 3.33
N TRP A 432 20.58 0.00 2.60
CA TRP A 432 20.80 0.18 1.17
C TRP A 432 21.85 1.26 0.91
N PRO A 433 22.47 1.25 -0.29
CA PRO A 433 23.50 2.26 -0.63
C PRO A 433 22.92 3.66 -0.62
N GLU A 434 23.78 4.66 -0.72
CA GLU A 434 23.31 6.04 -0.71
C GLU A 434 22.57 6.53 -1.94
N TRP A 435 22.99 6.11 -3.14
CA TRP A 435 22.31 6.61 -4.31
C TRP A 435 20.80 6.37 -4.26
N MET A 436 20.39 5.28 -3.60
CA MET A 436 18.97 4.97 -3.50
C MET A 436 18.14 5.97 -2.70
N GLY A 437 18.80 6.97 -2.12
CA GLY A 437 18.11 8.00 -1.36
C GLY A 437 17.04 7.56 -0.36
N VAL A 438 15.90 8.24 -0.41
CA VAL A 438 14.80 7.94 0.49
C VAL A 438 13.89 6.98 -0.25
N ILE A 439 14.19 5.70 -0.09
CA ILE A 439 13.51 4.63 -0.77
C ILE A 439 12.03 4.40 -0.46
N HIS A 440 11.31 3.99 -1.50
CA HIS A 440 9.90 3.67 -1.45
C HIS A 440 9.66 2.72 -0.27
N GLY A 441 8.74 3.10 0.61
CA GLY A 441 8.42 2.26 1.76
C GLY A 441 9.25 2.47 3.01
N TYR A 442 10.29 3.29 2.95
CA TYR A 442 11.10 3.47 4.14
C TYR A 442 10.69 4.58 5.10
N GLU A 443 9.45 5.00 4.99
CA GLU A 443 8.92 6.03 5.88
C GLU A 443 8.13 5.23 6.92
N ILE A 444 7.82 3.98 6.57
CA ILE A 444 7.04 3.10 7.43
C ILE A 444 7.67 2.87 8.81
N GLU A 445 8.97 2.59 8.83
CA GLU A 445 9.66 2.36 10.10
C GLU A 445 9.50 3.54 11.05
N PHE A 446 9.30 4.75 10.50
CA PHE A 446 9.11 5.92 11.33
C PHE A 446 7.65 6.03 11.75
N VAL A 447 6.74 5.65 10.86
CA VAL A 447 5.32 5.70 11.18
C VAL A 447 5.03 4.74 12.34
N PHE A 448 5.63 3.55 12.30
CA PHE A 448 5.41 2.58 13.37
C PHE A 448 6.35 2.79 14.58
N GLY A 449 7.22 3.78 14.45
CA GLY A 449 8.13 4.16 15.54
C GLY A 449 9.21 3.18 15.96
N LEU A 450 10.01 2.70 15.02
CA LEU A 450 11.10 1.82 15.39
C LEU A 450 12.28 2.66 15.89
N PRO A 451 12.38 3.90 15.46
CA PRO A 451 13.48 4.72 15.99
C PRO A 451 13.40 4.89 17.51
N LEU A 452 12.32 4.36 18.10
CA LEU A 452 12.09 4.42 19.55
C LEU A 452 12.85 3.29 20.22
N VAL A 453 13.12 2.22 19.49
CA VAL A 453 13.86 1.08 20.02
C VAL A 453 15.34 1.42 19.99
N LYS A 454 15.90 1.66 21.16
CA LYS A 454 17.31 2.03 21.32
C LYS A 454 18.28 1.03 20.70
N GLU A 455 17.88 -0.24 20.70
CA GLU A 455 18.71 -1.31 20.16
C GLU A 455 18.79 -1.30 18.63
N LEU A 456 17.94 -0.52 17.98
CA LEU A 456 17.95 -0.44 16.52
C LEU A 456 18.90 0.63 16.01
N ASN A 457 19.78 1.07 16.90
CA ASN A 457 20.81 2.08 16.62
C ASN A 457 20.46 3.22 15.64
N TYR A 458 19.40 3.96 15.96
CA TYR A 458 19.00 5.11 15.18
C TYR A 458 19.61 6.31 15.90
N THR A 459 19.39 7.53 15.43
CA THR A 459 19.95 8.69 16.11
C THR A 459 18.87 9.25 17.03
N ALA A 460 19.27 10.14 17.93
CA ALA A 460 18.34 10.76 18.85
C ALA A 460 17.33 11.58 18.06
N GLU A 461 17.85 12.33 17.08
CA GLU A 461 17.03 13.18 16.22
C GLU A 461 15.99 12.36 15.47
N GLU A 462 16.34 11.10 15.18
CA GLU A 462 15.43 10.23 14.46
C GLU A 462 14.33 9.67 15.38
N GLU A 463 14.57 9.66 16.68
CA GLU A 463 13.54 9.19 17.60
C GLU A 463 12.49 10.28 17.72
N ALA A 464 12.94 11.52 17.60
CA ALA A 464 12.03 12.66 17.69
C ALA A 464 11.07 12.62 16.51
N LEU A 465 11.64 12.48 15.32
CA LEU A 465 10.88 12.44 14.09
C LEU A 465 9.80 11.36 14.12
N SER A 466 10.20 10.15 14.51
CA SER A 466 9.27 9.04 14.60
C SER A 466 8.14 9.33 15.58
N ARG A 467 8.46 10.00 16.68
CA ARG A 467 7.46 10.35 17.67
C ARG A 467 6.54 11.44 17.12
N ARG A 468 7.11 12.37 16.36
CA ARG A 468 6.34 13.44 15.76
C ARG A 468 5.39 12.82 14.74
N ILE A 469 5.97 12.07 13.80
CA ILE A 469 5.21 11.42 12.75
C ILE A 469 4.06 10.58 13.29
N MET A 470 4.32 9.76 14.30
CA MET A 470 3.25 8.95 14.87
C MET A 470 2.18 9.86 15.46
N HIS A 471 2.62 10.95 16.10
CA HIS A 471 1.68 11.88 16.69
C HIS A 471 0.78 12.49 15.63
N TYR A 472 1.38 12.94 14.52
CA TYR A 472 0.60 13.50 13.43
C TYR A 472 -0.43 12.45 12.99
N TRP A 473 0.08 11.24 12.74
CA TRP A 473 -0.78 10.13 12.30
C TRP A 473 -1.86 9.82 13.31
N ALA A 474 -1.50 9.77 14.59
CA ALA A 474 -2.45 9.48 15.65
C ALA A 474 -3.45 10.61 15.84
N THR A 475 -2.94 11.83 16.02
CA THR A 475 -3.79 12.99 16.21
C THR A 475 -4.78 13.14 15.06
N PHE A 476 -4.30 12.90 13.83
CA PHE A 476 -5.14 13.01 12.65
C PHE A 476 -6.29 12.01 12.73
N ALA A 477 -5.97 10.76 12.95
CA ALA A 477 -6.98 9.71 13.03
C ALA A 477 -7.97 10.01 14.14
N LYS A 478 -7.51 10.73 15.16
CA LYS A 478 -8.38 11.05 16.27
C LYS A 478 -9.26 12.27 16.04
N THR A 479 -8.71 13.29 15.39
CA THR A 479 -9.46 14.51 15.17
C THR A 479 -9.81 14.83 13.71
N GLY A 480 -8.94 14.44 12.80
CA GLY A 480 -9.17 14.73 11.39
C GLY A 480 -8.22 15.85 11.05
N ASN A 481 -7.34 16.16 12.01
CA ASN A 481 -6.33 17.19 11.88
C ASN A 481 -5.09 16.68 12.63
N PRO A 482 -3.91 16.73 11.99
CA PRO A 482 -2.68 16.26 12.63
C PRO A 482 -2.04 17.29 13.56
N ASN A 483 -2.45 18.54 13.42
CA ASN A 483 -1.90 19.61 14.24
C ASN A 483 -2.42 19.55 15.68
N GLU A 484 -1.61 20.07 16.59
CA GLU A 484 -1.96 20.13 18.00
C GLU A 484 -3.09 21.15 18.09
N PRO A 485 -4.16 20.81 18.81
CA PRO A 485 -5.29 21.73 18.96
C PRO A 485 -4.91 23.21 19.07
N HIS A 486 -3.79 23.49 19.71
CA HIS A 486 -3.36 24.87 19.88
C HIS A 486 -1.92 25.01 20.37
N SER A 487 -1.05 24.13 19.90
CA SER A 487 0.35 24.21 20.31
C SER A 487 0.96 25.44 19.66
N GLN A 488 2.26 25.62 19.86
CA GLN A 488 2.97 26.76 19.29
C GLN A 488 3.94 26.26 18.23
N GLU A 489 3.95 24.94 18.06
CA GLU A 489 4.80 24.29 17.08
C GLU A 489 4.26 24.67 15.71
N SER A 490 5.12 24.71 14.70
CA SER A 490 4.69 25.05 13.35
C SER A 490 3.53 24.16 12.92
N LYS A 491 2.47 24.77 12.39
CA LYS A 491 1.33 23.99 11.94
C LYS A 491 1.57 23.39 10.57
N TRP A 492 1.05 22.20 10.36
CA TRP A 492 1.06 21.51 9.10
C TRP A 492 -0.19 22.06 8.39
N PRO A 493 0.03 23.01 7.44
CA PRO A 493 -1.10 23.67 6.76
C PRO A 493 -2.04 22.66 6.09
N LEU A 494 -3.24 23.19 5.72
CA LEU A 494 -4.24 22.41 5.04
C LEU A 494 -4.02 22.58 3.55
N PHE A 495 -3.99 21.49 2.79
CA PHE A 495 -3.80 21.59 1.35
C PHE A 495 -5.05 22.15 0.71
N THR A 496 -4.93 23.27 0.02
CA THR A 496 -6.09 23.86 -0.64
C THR A 496 -5.85 23.92 -2.15
N THR A 497 -6.95 23.95 -2.90
CA THR A 497 -6.88 24.02 -4.35
C THR A 497 -6.09 25.22 -4.86
N LYS A 498 -6.20 26.35 -4.16
CA LYS A 498 -5.49 27.55 -4.58
C LYS A 498 -4.02 27.56 -4.21
N GLU A 499 -3.74 27.55 -2.91
CA GLU A 499 -2.38 27.58 -2.39
C GLU A 499 -1.63 26.24 -2.52
N GLN A 500 -2.38 25.14 -2.57
CA GLN A 500 -1.80 23.81 -2.72
C GLN A 500 -0.55 23.57 -1.86
N LYS A 501 -0.63 23.96 -0.60
CA LYS A 501 0.50 23.81 0.31
C LYS A 501 0.74 22.42 0.85
N PHE A 502 2.00 22.15 1.21
CA PHE A 502 2.41 20.89 1.80
C PHE A 502 3.70 21.11 2.58
N ILE A 503 4.07 20.15 3.40
CA ILE A 503 5.27 20.24 4.20
C ILE A 503 6.14 19.01 4.01
N ASP A 504 7.43 19.13 4.34
CA ASP A 504 8.33 18.00 4.22
C ASP A 504 8.49 17.36 5.62
N LEU A 505 8.90 16.09 5.64
CA LEU A 505 9.07 15.38 6.90
C LEU A 505 10.49 14.89 7.11
N ASN A 506 11.20 15.55 8.02
CA ASN A 506 12.57 15.18 8.32
C ASN A 506 13.00 15.73 9.68
N THR A 507 14.28 15.55 10.00
CA THR A 507 14.83 16.01 11.27
C THR A 507 14.94 17.53 11.40
N GLU A 508 15.15 18.22 10.29
CA GLU A 508 15.26 19.67 10.33
C GLU A 508 13.92 20.29 10.74
N PRO A 509 13.88 21.63 10.93
CA PRO A 509 12.65 22.30 11.31
C PRO A 509 11.64 22.27 10.16
N MET A 510 10.36 22.16 10.47
CA MET A 510 9.35 22.11 9.43
C MET A 510 9.46 23.28 8.43
N LYS A 511 9.09 23.00 7.19
CA LYS A 511 9.09 23.99 6.11
C LYS A 511 7.85 23.76 5.26
N VAL A 512 7.27 24.83 4.75
CA VAL A 512 6.09 24.72 3.91
C VAL A 512 6.44 25.02 2.45
N HIS A 513 5.91 24.19 1.56
CA HIS A 513 6.16 24.36 0.13
C HIS A 513 4.81 24.35 -0.59
N GLN A 514 4.86 24.48 -1.91
CA GLN A 514 3.65 24.50 -2.72
C GLN A 514 3.83 23.84 -4.08
N ARG A 515 2.74 23.28 -4.60
CA ARG A 515 2.73 22.63 -5.90
C ARG A 515 3.82 21.57 -6.06
N LEU A 516 3.67 20.47 -5.33
CA LEU A 516 4.61 19.36 -5.37
C LEU A 516 4.84 18.83 -6.78
N ARG A 517 6.08 18.92 -7.24
CA ARG A 517 6.51 18.49 -8.58
C ARG A 517 5.49 18.84 -9.65
N VAL A 518 4.86 20.00 -9.48
CA VAL A 518 3.85 20.50 -10.38
C VAL A 518 4.24 20.44 -11.86
N GLN A 519 5.49 20.79 -12.16
CA GLN A 519 5.97 20.81 -13.53
C GLN A 519 5.93 19.42 -14.16
N MET A 520 6.60 18.47 -13.54
CA MET A 520 6.62 17.13 -14.09
C MET A 520 5.23 16.51 -14.10
N CYS A 521 4.38 16.88 -13.14
CA CYS A 521 3.05 16.30 -13.10
C CYS A 521 2.13 16.78 -14.22
N VAL A 522 2.37 18.00 -14.72
CA VAL A 522 1.56 18.49 -15.82
C VAL A 522 1.93 17.60 -17.00
N PHE A 523 3.20 17.22 -17.05
CA PHE A 523 3.64 16.35 -18.11
C PHE A 523 2.97 14.98 -18.02
N TRP A 524 3.02 14.35 -16.85
CA TRP A 524 2.44 13.02 -16.70
C TRP A 524 0.92 12.97 -16.68
N ASN A 525 0.27 13.95 -16.06
CA ASN A 525 -1.18 13.94 -15.96
C ASN A 525 -2.00 14.51 -17.11
N GLN A 526 -1.48 15.53 -17.77
CA GLN A 526 -2.22 16.13 -18.88
C GLN A 526 -1.66 15.85 -20.26
N PHE A 527 -0.43 16.30 -20.49
CA PHE A 527 0.21 16.16 -21.79
C PHE A 527 0.41 14.76 -22.35
N LEU A 528 1.25 13.96 -21.68
CA LEU A 528 1.53 12.61 -22.17
C LEU A 528 0.26 11.80 -22.42
N PRO A 529 -0.72 11.86 -21.50
CA PRO A 529 -1.93 11.09 -21.74
C PRO A 529 -2.56 11.51 -23.07
N LYS A 530 -2.54 12.81 -23.35
CA LYS A 530 -3.10 13.35 -24.58
C LYS A 530 -2.30 12.90 -25.80
N LEU A 531 -0.98 13.00 -25.68
CA LEU A 531 -0.08 12.61 -26.74
C LEU A 531 -0.29 11.16 -27.14
N LEU A 532 -0.39 10.27 -26.16
CA LEU A 532 -0.58 8.86 -26.43
C LEU A 532 -1.96 8.59 -27.03
N ASN A 533 -2.95 9.39 -26.66
CA ASN A 533 -4.30 9.23 -27.17
C ASN A 533 -4.32 9.61 -28.67
N ALA A 534 -3.85 10.81 -28.98
CA ALA A 534 -3.82 11.30 -30.35
C ALA A 534 -3.00 10.43 -31.29
N THR A 535 -1.77 10.11 -30.88
CA THR A 535 -0.86 9.31 -31.70
C THR A 535 -0.87 7.80 -31.41
N ALA A 536 -1.94 7.14 -31.85
CA ALA A 536 -2.09 5.70 -31.65
C ALA A 536 -3.28 5.24 -32.49
C1 NAG B . 22.98 -1.81 17.87
C2 NAG B . 24.30 -2.59 17.97
C3 NAG B . 24.50 -3.59 16.82
C4 NAG B . 23.21 -4.34 16.45
C5 NAG B . 22.04 -3.39 16.35
C6 NAG B . 20.73 -4.12 16.06
C7 NAG B . 26.53 -1.93 18.62
C8 NAG B . 27.76 -2.17 17.76
N2 NAG B . 25.40 -1.64 17.98
O3 NAG B . 25.53 -4.57 17.15
O4 NAG B . 23.38 -5.01 15.20
O5 NAG B . 21.88 -2.69 17.60
O6 NAG B . 20.68 -4.53 14.70
O7 NAG B . 26.61 -2.02 19.85
C1 FUL B . 25.70 -4.98 18.49
C2 FUL B . 27.02 -5.79 18.66
O2 FUL B . 27.80 -5.27 19.73
C3 FUL B . 26.76 -7.29 18.91
O3 FUL B . 27.89 -8.05 18.49
C4 FUL B . 25.52 -7.77 18.14
O4 FUL B . 25.69 -7.58 16.74
C5 FUL B . 24.27 -7.02 18.64
C6 FUL B . 23.14 -6.99 17.64
O5 FUL B . 24.56 -5.64 19.05
C1 NAG C . -1.84 -20.72 22.25
C2 NAG C . -0.39 -20.70 21.72
C3 NAG C . 0.49 -21.73 22.45
C4 NAG C . 0.33 -21.61 23.97
C5 NAG C . -1.17 -21.67 24.32
C6 NAG C . -1.47 -21.58 25.79
C7 NAG C . -1.33 -21.67 19.70
C8 NAG C . -1.29 -23.18 19.88
N2 NAG C . -0.37 -20.95 20.29
O3 NAG C . 1.88 -21.52 22.10
O4 NAG C . 1.04 -22.65 24.62
O5 NAG C . -1.86 -20.59 23.67
O6 NAG C . -2.75 -22.11 26.08
O7 NAG C . -2.22 -21.15 19.02
C1 FUC C . 2.47 -22.43 21.19
C2 FUC C . 1.87 -22.26 19.79
C3 FUC C . 2.46 -23.25 18.79
C4 FUC C . 2.37 -24.67 19.33
C5 FUC C . 3.01 -24.73 20.73
C6 FUC C . 2.88 -26.11 21.36
O2 FUC C . 2.11 -20.94 19.32
O3 FUC C . 1.75 -23.18 17.56
O4 FUC C . 1.01 -25.07 19.40
O5 FUC C . 2.38 -23.78 21.61
C1 NAG D . 23.65 -2.21 13.37
C2 NAG D . 23.85 -1.95 11.87
C3 NAG D . 22.86 -0.89 11.39
C4 NAG D . 21.56 -1.10 12.15
C5 NAG D . 21.79 -0.68 13.60
C6 NAG D . 20.82 -1.32 14.58
C7 NAG D . 25.97 -2.16 10.71
C8 NAG D . 27.08 -1.35 10.05
N2 NAG D . 25.23 -1.53 11.63
O3 NAG D . 22.65 -1.02 9.99
O4 NAG D . 20.48 -0.34 11.56
O5 NAG D . 23.12 -1.05 14.03
O6 NAG D . 19.56 -1.58 13.98
O7 NAG D . 25.79 -3.34 10.37
C1 MAN D . 19.34 -1.07 11.31
C2 MAN D . 19.42 -1.67 9.91
C3 MAN D . 18.21 -2.59 9.70
C4 MAN D . 16.95 -1.97 10.29
C5 MAN D . 17.12 -0.47 10.52
C6 MAN D . 15.87 0.12 11.12
O2 MAN D . 20.61 -2.42 9.79
O3 MAN D . 18.46 -3.85 10.32
O4 MAN D . 15.87 -2.18 9.39
O5 MAN D . 18.20 -0.20 11.44
O6 MAN D . 14.75 -0.73 10.91
C1 NAG E . -19.55 24.15 9.04
C2 NAG E . -19.36 25.65 8.76
C3 NAG E . -19.50 26.47 10.07
C4 NAG E . -20.33 25.69 11.09
C5 NAG E . -19.59 24.39 11.46
C6 NAG E . -20.50 23.33 12.08
C7 NAG E . -17.43 27.04 8.33
C8 NAG E . -16.14 27.00 9.15
N2 NAG E . -18.07 25.88 8.15
O3 NAG E . -20.15 27.71 9.79
O4 NAG E . -20.53 26.48 12.26
O5 NAG E . -18.95 23.78 10.30
O6 NAG E . -20.96 22.40 11.11
O7 NAG E . -17.82 28.11 7.87
C1 NAG F . -15.59 20.06 6.82
C2 NAG F . -15.01 21.38 6.31
C3 NAG F . -15.32 22.54 7.28
C4 NAG F . -16.79 22.55 7.71
C5 NAG F . -17.23 21.16 8.17
C6 NAG F . -18.70 21.07 8.51
C7 NAG F . -12.97 21.76 5.10
C8 NAG F . -11.92 22.82 5.37
N2 NAG F . -13.58 21.24 6.16
O3 NAG F . -15.00 23.78 6.66
O4 NAG F . -16.96 23.46 8.77
O5 NAG F . -16.99 20.19 7.11
O6 NAG F . -19.39 20.17 7.66
O7 NAG F . -13.23 21.42 3.94
N1 CP0 G . 9.15 -8.27 -12.38
N4 CP0 G . 9.55 -11.37 -14.13
O1 CP0 G . 9.13 -4.72 -7.06
O2 CP0 G . 10.51 -6.52 -7.06
O18 CP0 G . 9.79 -13.41 -15.36
O19 CP0 G . 7.97 -11.45 -18.95
O22 CP0 G . 7.06 -9.67 -19.99
O23 CP0 G . 6.41 -8.85 -17.27
C13 CP0 G . 9.51 -7.92 -11.03
C10 CP0 G . 10.21 -7.06 -8.35
C14 CP0 G . 8.58 -9.35 -15.11
C6 CP0 G . 10.03 -10.60 -11.99
C8 CP0 G . 10.17 -8.91 -10.07
C7 CP0 G . 10.42 -10.29 -10.61
C37 CP0 G . 10.00 -5.28 -6.51
C3 CP0 G . 9.14 -9.98 -14.04
C9 CP0 G . 10.50 -8.40 -8.70
C12 CP0 G . 9.19 -6.49 -10.67
C11 CP0 G . 9.54 -6.14 -9.37
C2 CP0 G . 9.43 -9.52 -12.75
C16 CP0 G . 8.78 -11.45 -16.53
C15 CP0 G . 8.39 -10.08 -16.39
C23 CP0 G . 9.40 -12.21 -15.37
C17 CP0 G . 8.59 -12.23 -17.85
C5 CP0 G . 10.14 -11.85 -12.85
C21 CP0 G . 7.56 -10.12 -18.96
C28 CP0 G . 8.45 -7.93 -17.77
C20 CP0 G . 7.75 -9.28 -17.61
C31 CP0 G . 11.10 -11.33 -9.68
C32 CP0 G . 12.68 -11.50 -9.76
C33 CP0 G . 9.85 -7.97 -18.16
N2 CP0 G . 10.59 -4.86 -5.34
N3 CP0 G . 8.40 -3.48 -2.01
C25 CP0 G . 9.13 -5.35 -3.54
C22 CP0 G . 11.34 -3.74 -4.69
C24 CP0 G . 9.58 -4.09 -2.82
C26 CP0 G . 10.27 -5.93 -4.41
C29 CP0 G . 8.68 -1.99 -1.56
C34 CP0 G . 7.36 -1.41 -1.15
C35 CP0 G . 8.12 -4.28 -0.77
C27 CP0 G . 6.94 -3.75 0.09
C30 CP0 G . 6.82 -2.14 0.12
C36 CP0 G . 10.16 -3.03 -3.85
I IOD H . -8.72 -31.05 -14.27
#